data_3CU2
#
_entry.id   3CU2
#
_cell.length_a   85.010
_cell.length_b   85.010
_cell.length_c   140.160
_cell.angle_alpha   90.000
_cell.angle_beta   90.000
_cell.angle_gamma   120.000
#
_symmetry.space_group_name_H-M   'P 31 2 1'
#
loop_
_entity.id
_entity.type
_entity.pdbx_description
1 polymer 'Ribulose-5-phosphate 3-epimerase'
2 non-polymer 'CALCIUM ION'
3 non-polymer 'NICKEL (II) ION'
4 non-polymer (4R)-2-METHYLPENTANE-2,4-DIOL
5 water water
#
_entity_poly.entity_id   1
_entity_poly.type   'polypeptide(L)'
_entity_poly.pdbx_seq_one_letter_code
;G(MSE)SKLSLIQQLKQQKLSVGILSANWLQLNEEVTTLLENQINVLHFDIADGQFSSLFTVGAIGIKYFPTHCFKDVHL
(MSE)VRNQLEVAKAVVANGANLVTLQLEQYHDFALTIEWLAKQKTTYANQVYPVLIGACLCPETPISELEPYLDQIDVI
QLLTLDPRNGTKYPSELILDRVIQVEKRLGNRRVEKLINIDGS(MSE)TLELAKYFKQGTHQIDWLVSGSALFSGELKTN
LKVWKSSI(MSE)
;
_entity_poly.pdbx_strand_id   A,B
#
loop_
_chem_comp.id
_chem_comp.type
_chem_comp.name
_chem_comp.formula
CA non-polymer 'CALCIUM ION' 'Ca 2'
MRD non-polymer (4R)-2-METHYLPENTANE-2,4-DIOL 'C6 H14 O2'
NI non-polymer 'NICKEL (II) ION' 'Ni 2'
#
# COMPACT_ATOMS: atom_id res chain seq x y z
N MSE A 2 -30.29 8.71 3.26
CA MSE A 2 -30.46 8.01 1.95
C MSE A 2 -30.22 6.53 2.11
O MSE A 2 -29.33 6.11 2.87
CB MSE A 2 -29.50 8.56 0.90
CG MSE A 2 -29.74 10.03 0.57
SE MSE A 2 -31.52 10.38 -0.15
CE MSE A 2 -31.26 9.70 -1.97
N SER A 3 -31.02 5.75 1.39
CA SER A 3 -30.97 4.29 1.51
C SER A 3 -29.99 3.68 0.57
N LYS A 4 -29.59 2.46 0.92
CA LYS A 4 -28.73 1.67 0.06
C LYS A 4 -29.34 1.56 -1.32
N LEU A 5 -30.64 1.34 -1.41
CA LEU A 5 -31.26 1.05 -2.70
C LEU A 5 -31.21 2.24 -3.63
N SER A 6 -31.35 3.41 -3.06
CA SER A 6 -31.34 4.64 -3.85
C SER A 6 -29.93 4.83 -4.41
N LEU A 7 -28.95 4.68 -3.54
CA LEU A 7 -27.56 4.75 -3.93
C LEU A 7 -27.24 3.75 -5.07
N ILE A 8 -27.64 2.50 -4.89
CA ILE A 8 -27.35 1.43 -5.86
C ILE A 8 -27.91 1.82 -7.23
N GLN A 9 -29.14 2.35 -7.26
CA GLN A 9 -29.74 2.72 -8.54
C GLN A 9 -28.94 3.87 -9.18
N GLN A 10 -28.47 4.80 -8.37
CA GLN A 10 -27.64 5.89 -8.89
C GLN A 10 -26.33 5.41 -9.48
N LEU A 11 -25.75 4.41 -8.83
CA LEU A 11 -24.43 3.90 -9.24
C LEU A 11 -24.43 3.23 -10.58
N LYS A 12 -25.61 2.71 -10.92
N LYS A 12 -25.63 2.77 -10.95
CA LYS A 12 -25.77 1.95 -12.18
CA LYS A 12 -25.81 2.04 -12.21
C LYS A 12 -25.66 2.86 -13.40
C LYS A 12 -25.59 2.90 -13.44
N GLN A 13 -25.58 4.16 -13.16
N GLN A 13 -25.63 4.23 -13.28
CA GLN A 13 -25.36 5.15 -14.22
CA GLN A 13 -25.32 5.13 -14.41
C GLN A 13 -23.91 5.04 -14.67
C GLN A 13 -23.85 5.07 -14.71
N GLN A 14 -23.06 4.61 -13.74
CA GLN A 14 -21.60 4.47 -13.97
C GLN A 14 -21.37 3.07 -14.51
N LYS A 15 -20.44 2.91 -15.44
CA LYS A 15 -20.20 1.61 -16.09
C LYS A 15 -18.81 1.00 -15.84
N LEU A 16 -17.94 1.81 -15.29
CA LEU A 16 -16.52 1.46 -15.08
C LEU A 16 -16.04 1.88 -13.70
N SER A 17 -15.51 0.91 -12.96
CA SER A 17 -14.84 1.12 -11.70
C SER A 17 -13.35 1.08 -12.01
N VAL A 18 -12.71 2.24 -11.91
CA VAL A 18 -11.32 2.39 -12.39
C VAL A 18 -10.32 2.10 -11.27
N GLY A 19 -9.44 1.16 -11.57
CA GLY A 19 -8.34 0.75 -10.70
C GLY A 19 -7.25 1.79 -10.82
N ILE A 20 -7.42 2.84 -10.02
CA ILE A 20 -6.65 4.06 -10.16
C ILE A 20 -5.17 3.90 -9.82
N LEU A 21 -4.87 2.95 -8.95
CA LEU A 21 -3.48 2.70 -8.51
C LEU A 21 -2.72 1.87 -9.53
N SER A 22 -3.36 1.63 -10.67
CA SER A 22 -2.72 1.01 -11.83
C SER A 22 -2.02 2.10 -12.62
N ALA A 23 -2.28 3.34 -12.24
CA ALA A 23 -1.62 4.47 -12.92
C ALA A 23 -0.23 4.68 -12.31
N ASN A 24 0.51 5.64 -12.87
CA ASN A 24 1.77 6.09 -12.29
C ASN A 24 1.45 6.92 -11.07
N TRP A 25 2.05 6.55 -9.93
CA TRP A 25 1.64 7.13 -8.68
C TRP A 25 2.09 8.57 -8.55
N LEU A 26 3.00 9.00 -9.44
CA LEU A 26 3.40 10.41 -9.51
C LEU A 26 2.43 11.22 -10.40
N GLN A 27 1.42 10.57 -10.98
CA GLN A 27 0.44 11.27 -11.85
C GLN A 27 -1.01 11.09 -11.39
N LEU A 28 -1.25 10.78 -10.11
CA LEU A 28 -2.56 10.41 -9.66
C LEU A 28 -3.54 11.57 -9.78
N ASN A 29 -3.12 12.78 -9.44
CA ASN A 29 -4.05 13.92 -9.52
C ASN A 29 -4.55 14.14 -10.96
N GLU A 30 -3.66 14.05 -11.91
CA GLU A 30 -4.05 14.30 -13.29
C GLU A 30 -4.93 13.19 -13.83
N GLU A 31 -4.66 11.96 -13.39
CA GLU A 31 -5.41 10.80 -13.85
C GLU A 31 -6.87 10.92 -13.34
N VAL A 32 -7.02 11.29 -12.09
CA VAL A 32 -8.35 11.44 -11.48
C VAL A 32 -9.10 12.62 -12.11
N THR A 33 -8.36 13.68 -12.39
CA THR A 33 -8.95 14.83 -13.12
C THR A 33 -9.47 14.41 -14.48
N THR A 34 -8.69 13.63 -15.20
CA THR A 34 -9.09 13.15 -16.52
C THR A 34 -10.37 12.28 -16.40
N LEU A 35 -10.44 11.47 -15.36
CA LEU A 35 -11.60 10.60 -15.12
C LEU A 35 -12.84 11.45 -14.87
N LEU A 36 -12.70 12.46 -14.03
CA LEU A 36 -13.83 13.29 -13.67
C LEU A 36 -14.31 14.06 -14.91
N GLU A 37 -13.36 14.47 -15.75
CA GLU A 37 -13.67 15.22 -16.97
C GLU A 37 -14.44 14.35 -17.94
N ASN A 38 -14.41 13.05 -17.69
CA ASN A 38 -15.08 12.09 -18.56
C ASN A 38 -16.25 11.42 -17.88
N GLN A 39 -16.76 12.06 -16.84
CA GLN A 39 -17.93 11.63 -16.16
C GLN A 39 -17.75 10.24 -15.49
N ILE A 40 -16.51 9.91 -15.15
CA ILE A 40 -16.17 8.72 -14.35
C ILE A 40 -15.73 9.12 -12.94
N ASN A 41 -16.39 8.58 -11.92
CA ASN A 41 -15.96 8.89 -10.56
C ASN A 41 -15.94 7.70 -9.62
N VAL A 42 -15.90 6.50 -10.18
CA VAL A 42 -15.82 5.27 -9.38
C VAL A 42 -14.39 4.76 -9.47
N LEU A 43 -13.77 4.63 -8.31
CA LEU A 43 -12.37 4.23 -8.23
C LEU A 43 -12.28 2.91 -7.46
N HIS A 44 -11.64 1.94 -8.09
CA HIS A 44 -11.44 0.62 -7.49
C HIS A 44 -10.06 0.52 -6.87
N PHE A 45 -10.01 -0.11 -5.68
CA PHE A 45 -8.75 -0.35 -4.97
C PHE A 45 -8.65 -1.80 -4.53
N ASP A 46 -7.53 -2.39 -4.93
CA ASP A 46 -7.16 -3.74 -4.51
C ASP A 46 -6.28 -3.62 -3.26
N ILE A 47 -6.89 -3.96 -2.16
CA ILE A 47 -6.29 -3.97 -0.84
C ILE A 47 -5.92 -5.42 -0.54
N ALA A 48 -4.63 -5.70 -0.66
CA ALA A 48 -4.14 -7.07 -0.59
C ALA A 48 -2.86 -7.16 0.23
N ASP A 49 -2.86 -8.12 1.17
CA ASP A 49 -1.79 -8.27 2.20
C ASP A 49 -0.79 -9.40 1.95
N GLY A 50 -0.80 -10.00 0.78
CA GLY A 50 0.08 -11.12 0.48
C GLY A 50 -0.26 -12.39 1.24
N GLN A 51 -1.41 -12.40 1.91
CA GLN A 51 -1.91 -13.54 2.70
C GLN A 51 -3.01 -14.30 1.94
N PHE A 52 -3.97 -13.61 1.35
CA PHE A 52 -4.98 -14.32 0.54
C PHE A 52 -4.35 -14.92 -0.70
N SER A 53 -3.55 -14.10 -1.37
CA SER A 53 -2.72 -14.47 -2.49
C SER A 53 -1.34 -13.87 -2.30
N SER A 54 -0.51 -14.04 -3.32
CA SER A 54 0.84 -13.51 -3.37
C SER A 54 0.75 -12.01 -3.49
N LEU A 55 -0.39 -11.57 -4.03
CA LEU A 55 -0.71 -10.14 -4.17
C LEU A 55 -0.57 -9.32 -2.89
N PHE A 56 0.43 -8.45 -2.84
CA PHE A 56 0.66 -7.53 -1.70
C PHE A 56 0.78 -6.13 -2.28
N THR A 57 -0.32 -5.42 -2.16
CA THR A 57 -0.51 -4.18 -2.86
C THR A 57 -0.45 -2.93 -1.99
N VAL A 58 -1.59 -2.55 -1.39
CA VAL A 58 -1.66 -1.41 -0.50
C VAL A 58 -2.68 -1.72 0.56
N GLY A 59 -2.55 -1.05 1.68
CA GLY A 59 -3.54 -1.06 2.75
C GLY A 59 -4.43 0.15 2.62
N ALA A 60 -5.12 0.46 3.70
CA ALA A 60 -6.13 1.51 3.75
C ALA A 60 -5.66 2.90 3.28
N ILE A 61 -4.38 3.15 3.57
CA ILE A 61 -3.75 4.40 3.18
C ILE A 61 -3.92 4.69 1.67
N GLY A 62 -4.02 3.63 0.88
CA GLY A 62 -4.14 3.79 -0.58
C GLY A 62 -5.37 4.56 -1.07
N ILE A 63 -6.44 4.54 -0.29
CA ILE A 63 -7.72 5.08 -0.68
C ILE A 63 -7.90 6.47 -0.06
N LYS A 64 -7.05 6.78 0.92
CA LYS A 64 -7.26 7.90 1.80
C LYS A 64 -7.35 9.28 1.14
N TYR A 65 -6.46 9.52 0.18
CA TYR A 65 -6.30 10.87 -0.39
C TYR A 65 -7.14 11.13 -1.66
N PHE A 66 -7.95 10.15 -2.03
CA PHE A 66 -8.79 10.36 -3.19
C PHE A 66 -10.02 11.16 -2.69
N PRO A 67 -10.50 12.12 -3.49
CA PRO A 67 -11.61 13.00 -3.07
C PRO A 67 -12.87 12.25 -2.68
N THR A 68 -13.60 12.78 -1.70
CA THR A 68 -14.86 12.17 -1.25
C THR A 68 -15.97 12.30 -2.28
N HIS A 69 -15.72 13.04 -3.36
CA HIS A 69 -16.71 13.13 -4.44
C HIS A 69 -16.47 11.98 -5.45
N CYS A 70 -15.50 11.12 -5.11
CA CYS A 70 -15.33 9.87 -5.83
C CYS A 70 -15.89 8.73 -4.99
N PHE A 71 -16.51 7.76 -5.65
CA PHE A 71 -16.99 6.59 -4.94
C PHE A 71 -15.82 5.61 -4.81
N LYS A 72 -15.48 5.24 -3.58
CA LYS A 72 -14.38 4.31 -3.29
C LYS A 72 -14.90 2.88 -3.14
N ASP A 73 -14.59 2.11 -4.18
CA ASP A 73 -14.93 0.68 -4.35
C ASP A 73 -13.69 -0.08 -3.90
N VAL A 74 -13.76 -0.60 -2.70
CA VAL A 74 -12.58 -1.12 -1.99
C VAL A 74 -12.70 -2.62 -1.88
N HIS A 75 -11.84 -3.27 -2.65
CA HIS A 75 -11.79 -4.70 -2.80
C HIS A 75 -10.70 -5.30 -1.90
N LEU A 76 -11.12 -6.02 -0.85
CA LEU A 76 -10.17 -6.69 0.04
C LEU A 76 -9.84 -8.11 -0.37
N MSE A 77 -8.54 -8.37 -0.44
CA MSE A 77 -7.99 -9.74 -0.54
C MSE A 77 -6.92 -9.92 0.57
O MSE A 77 -5.72 -9.76 0.33
CB MSE A 77 -7.38 -9.92 -1.90
CG MSE A 77 -8.42 -9.98 -3.03
SE MSE A 77 -7.71 -9.97 -4.77
CE MSE A 77 -7.35 -8.06 -4.81
N VAL A 78 -7.42 -10.19 1.76
CA VAL A 78 -6.66 -10.15 3.01
C VAL A 78 -7.02 -11.31 3.95
N ARG A 79 -6.17 -11.50 4.93
CA ARG A 79 -6.39 -12.50 5.94
C ARG A 79 -7.33 -11.97 6.99
N ASN A 80 -7.04 -10.79 7.50
CA ASN A 80 -7.83 -10.23 8.58
C ASN A 80 -8.87 -9.25 8.04
N GLN A 81 -9.99 -9.80 7.54
CA GLN A 81 -11.01 -9.00 6.87
C GLN A 81 -11.70 -7.96 7.77
N LEU A 82 -11.98 -8.33 9.01
CA LEU A 82 -12.61 -7.39 9.95
C LEU A 82 -11.73 -6.18 10.23
N GLU A 83 -10.49 -6.45 10.60
CA GLU A 83 -9.56 -5.38 10.93
C GLU A 83 -9.39 -4.43 9.73
N VAL A 84 -9.13 -5.02 8.57
CA VAL A 84 -8.88 -4.25 7.34
C VAL A 84 -10.15 -3.49 6.92
N ALA A 85 -11.30 -4.13 7.02
CA ALA A 85 -12.58 -3.44 6.78
C ALA A 85 -12.71 -2.20 7.66
N LYS A 86 -12.34 -2.30 8.93
CA LYS A 86 -12.47 -1.12 9.81
C LYS A 86 -11.57 0.00 9.32
N ALA A 87 -10.38 -0.38 8.86
CA ALA A 87 -9.37 0.61 8.45
C ALA A 87 -9.79 1.34 7.18
N VAL A 88 -10.35 0.59 6.24
CA VAL A 88 -10.77 1.20 4.96
C VAL A 88 -12.04 2.02 5.19
N VAL A 89 -12.94 1.56 6.06
CA VAL A 89 -14.16 2.34 6.32
C VAL A 89 -13.75 3.69 6.93
N ALA A 90 -12.72 3.62 7.77
CA ALA A 90 -12.20 4.80 8.48
C ALA A 90 -11.55 5.77 7.51
N ASN A 91 -11.03 5.27 6.40
CA ASN A 91 -10.43 6.09 5.34
C ASN A 91 -11.42 6.46 4.24
N GLY A 92 -12.70 6.23 4.49
CA GLY A 92 -13.76 6.63 3.56
C GLY A 92 -14.31 5.65 2.51
N ALA A 93 -14.03 4.35 2.62
CA ALA A 93 -14.60 3.37 1.68
C ALA A 93 -16.11 3.49 1.59
N ASN A 94 -16.63 3.44 0.37
CA ASN A 94 -18.08 3.53 0.17
C ASN A 94 -18.66 2.14 -0.07
N LEU A 95 -17.81 1.26 -0.59
CA LEU A 95 -18.14 -0.14 -0.81
C LEU A 95 -16.94 -0.93 -0.30
N VAL A 96 -17.23 -1.92 0.52
CA VAL A 96 -16.19 -2.88 1.00
C VAL A 96 -16.57 -4.26 0.55
N THR A 97 -15.74 -4.82 -0.34
CA THR A 97 -15.93 -6.18 -0.91
C THR A 97 -14.98 -7.19 -0.31
N LEU A 98 -15.56 -8.27 0.23
CA LEU A 98 -14.80 -9.34 0.84
C LEU A 98 -14.68 -10.49 -0.16
N GLN A 99 -13.75 -11.39 0.11
CA GLN A 99 -13.64 -12.62 -0.63
C GLN A 99 -14.48 -13.72 0.05
N LEU A 100 -15.41 -14.27 -0.69
CA LEU A 100 -16.30 -15.30 -0.13
C LEU A 100 -15.51 -16.51 0.42
N GLU A 101 -14.34 -16.75 -0.16
CA GLU A 101 -13.51 -17.89 0.18
C GLU A 101 -12.88 -17.70 1.51
N GLN A 102 -12.82 -16.46 1.95
CA GLN A 102 -12.25 -16.11 3.23
C GLN A 102 -13.31 -16.22 4.30
N TYR A 103 -13.66 -17.46 4.62
CA TYR A 103 -14.85 -17.72 5.39
C TYR A 103 -14.70 -17.55 6.91
N HIS A 104 -13.47 -17.53 7.37
CA HIS A 104 -13.25 -17.50 8.82
C HIS A 104 -13.81 -16.25 9.51
N ASP A 105 -13.86 -15.10 8.81
CA ASP A 105 -14.48 -13.92 9.41
C ASP A 105 -15.43 -13.17 8.46
N PHE A 106 -15.90 -13.87 7.46
CA PHE A 106 -16.77 -13.31 6.49
C PHE A 106 -18.05 -12.79 7.10
N ALA A 107 -18.78 -13.66 7.74
CA ALA A 107 -20.05 -13.30 8.38
C ALA A 107 -19.86 -12.18 9.41
N LEU A 108 -18.83 -12.29 10.23
CA LEU A 108 -18.56 -11.30 11.28
C LEU A 108 -18.32 -9.96 10.66
N THR A 109 -17.60 -9.98 9.54
CA THR A 109 -17.24 -8.70 8.90
C THR A 109 -18.46 -8.07 8.24
N ILE A 110 -19.30 -8.88 7.60
CA ILE A 110 -20.50 -8.29 6.96
C ILE A 110 -21.47 -7.77 8.02
N GLU A 111 -21.44 -8.40 9.20
CA GLU A 111 -22.23 -7.96 10.33
C GLU A 111 -21.79 -6.58 10.83
N TRP A 112 -20.47 -6.38 10.89
CA TRP A 112 -19.94 -5.08 11.31
C TRP A 112 -20.20 -4.03 10.22
N LEU A 113 -19.93 -4.39 8.98
CA LEU A 113 -20.14 -3.46 7.85
C LEU A 113 -21.59 -2.94 7.78
N ALA A 114 -22.53 -3.80 8.16
CA ALA A 114 -23.94 -3.51 7.97
C ALA A 114 -24.39 -2.30 8.79
N LYS A 115 -23.57 -1.92 9.76
CA LYS A 115 -23.91 -0.87 10.71
C LYS A 115 -23.13 0.40 10.42
N GLN A 116 -22.32 0.39 9.36
CA GLN A 116 -21.48 1.54 9.08
C GLN A 116 -22.07 2.48 8.01
N LYS A 117 -21.81 3.75 8.19
CA LYS A 117 -22.18 4.77 7.23
C LYS A 117 -20.97 5.60 6.88
N THR A 118 -20.98 6.15 5.69
CA THR A 118 -19.92 7.05 5.28
C THR A 118 -20.57 8.11 4.42
N THR A 119 -19.73 9.01 3.94
CA THR A 119 -20.22 10.08 3.10
C THR A 119 -19.69 9.95 1.67
N TYR A 120 -20.66 10.03 0.76
CA TYR A 120 -20.39 10.00 -0.66
C TYR A 120 -21.00 11.24 -1.27
N ALA A 121 -20.15 11.90 -2.05
CA ALA A 121 -20.43 13.21 -2.62
C ALA A 121 -20.68 14.14 -1.42
N ASN A 122 -21.94 14.53 -1.22
CA ASN A 122 -22.32 15.39 -0.09
C ASN A 122 -23.48 14.79 0.71
N GLN A 123 -23.50 13.46 0.82
CA GLN A 123 -24.55 12.79 1.59
C GLN A 123 -24.07 11.54 2.36
N VAL A 124 -24.86 11.15 3.37
CA VAL A 124 -24.51 10.00 4.23
C VAL A 124 -25.28 8.73 3.87
N TYR A 125 -24.51 7.69 3.57
CA TYR A 125 -25.10 6.46 3.12
C TYR A 125 -24.56 5.31 3.92
N PRO A 126 -25.31 4.21 3.95
CA PRO A 126 -24.67 3.05 4.53
C PRO A 126 -23.57 2.60 3.57
N VAL A 127 -22.56 2.00 4.15
CA VAL A 127 -21.47 1.44 3.37
C VAL A 127 -22.06 0.22 2.66
N LEU A 128 -21.78 0.11 1.36
CA LEU A 128 -22.19 -1.04 0.56
C LEU A 128 -21.28 -2.22 0.88
N ILE A 129 -21.85 -3.43 0.81
CA ILE A 129 -21.15 -4.64 1.13
C ILE A 129 -21.07 -5.52 -0.09
N GLY A 130 -19.86 -5.97 -0.39
CA GLY A 130 -19.66 -6.88 -1.52
C GLY A 130 -19.08 -8.24 -1.16
N ALA A 131 -19.39 -9.19 -2.02
CA ALA A 131 -18.83 -10.52 -1.99
C ALA A 131 -18.20 -10.78 -3.35
N CYS A 132 -16.90 -11.13 -3.34
CA CYS A 132 -16.17 -11.50 -4.54
C CYS A 132 -15.90 -13.00 -4.51
N LEU A 133 -16.11 -13.61 -5.66
CA LEU A 133 -15.81 -15.02 -5.91
C LEU A 133 -14.79 -15.19 -7.01
N CYS A 134 -13.75 -15.96 -6.68
CA CYS A 134 -12.84 -16.50 -7.65
C CYS A 134 -13.62 -17.48 -8.54
N PRO A 135 -13.12 -17.73 -9.75
CA PRO A 135 -13.80 -18.43 -10.82
C PRO A 135 -14.36 -19.81 -10.45
N GLU A 136 -13.61 -20.59 -9.66
CA GLU A 136 -14.06 -21.95 -9.25
C GLU A 136 -14.95 -21.96 -8.00
N THR A 137 -15.17 -20.81 -7.37
CA THR A 137 -16.02 -20.80 -6.19
C THR A 137 -17.50 -20.90 -6.65
N PRO A 138 -18.21 -21.92 -6.19
CA PRO A 138 -19.59 -22.14 -6.67
C PRO A 138 -20.50 -20.99 -6.26
N ILE A 139 -21.34 -20.57 -7.18
CA ILE A 139 -22.27 -19.46 -6.95
C ILE A 139 -23.20 -19.89 -5.82
N SER A 140 -23.37 -21.19 -5.68
CA SER A 140 -24.21 -21.77 -4.64
C SER A 140 -23.79 -21.38 -3.22
N GLU A 141 -22.52 -20.95 -3.05
CA GLU A 141 -22.01 -20.58 -1.72
C GLU A 141 -22.47 -19.18 -1.26
N LEU A 142 -23.13 -18.46 -2.16
CA LEU A 142 -23.64 -17.13 -1.87
C LEU A 142 -24.94 -17.15 -1.08
N GLU A 143 -25.60 -18.30 -1.12
CA GLU A 143 -26.96 -18.41 -0.67
C GLU A 143 -27.14 -17.84 0.72
N PRO A 144 -26.26 -18.17 1.64
CA PRO A 144 -26.60 -17.59 2.95
C PRO A 144 -26.47 -16.07 3.09
N TYR A 145 -25.86 -15.43 2.11
CA TYR A 145 -25.54 -14.01 2.20
C TYR A 145 -26.16 -13.14 1.16
N LEU A 146 -26.84 -13.75 0.20
CA LEU A 146 -27.33 -12.99 -0.93
C LEU A 146 -28.22 -11.83 -0.53
N ASP A 147 -28.96 -12.00 0.54
CA ASP A 147 -29.94 -11.02 0.92
C ASP A 147 -29.23 -9.82 1.50
N GLN A 148 -28.16 -10.11 2.23
CA GLN A 148 -27.40 -9.10 2.96
C GLN A 148 -26.39 -8.28 2.15
N ILE A 149 -25.91 -8.84 1.05
CA ILE A 149 -24.88 -8.15 0.28
C ILE A 149 -25.53 -7.25 -0.77
N ASP A 150 -24.76 -6.29 -1.24
CA ASP A 150 -25.22 -5.32 -2.22
C ASP A 150 -24.56 -5.52 -3.55
N VAL A 151 -23.37 -6.12 -3.52
CA VAL A 151 -22.57 -6.26 -4.67
C VAL A 151 -22.02 -7.68 -4.75
N ILE A 152 -22.17 -8.28 -5.91
CA ILE A 152 -21.59 -9.58 -6.21
C ILE A 152 -20.54 -9.29 -7.26
N GLN A 153 -19.29 -9.53 -6.90
CA GLN A 153 -18.19 -9.33 -7.81
C GLN A 153 -17.59 -10.68 -8.27
N LEU A 154 -17.54 -10.86 -9.58
CA LEU A 154 -16.96 -12.04 -10.18
C LEU A 154 -15.62 -11.76 -10.75
N LEU A 155 -14.64 -12.46 -10.21
CA LEU A 155 -13.27 -12.43 -10.73
C LEU A 155 -13.13 -13.28 -11.99
N THR A 156 -12.31 -12.79 -12.93
CA THR A 156 -11.99 -13.48 -14.20
C THR A 156 -10.81 -14.44 -14.06
N LEU A 157 -10.12 -14.30 -12.95
CA LEU A 157 -8.89 -15.02 -12.69
C LEU A 157 -8.77 -15.31 -11.22
N ASP A 158 -7.98 -16.32 -10.89
CA ASP A 158 -7.76 -16.63 -9.50
C ASP A 158 -6.40 -16.07 -9.07
N PRO A 159 -6.41 -15.08 -8.19
CA PRO A 159 -5.14 -14.47 -7.82
C PRO A 159 -4.27 -15.42 -7.06
N ARG A 160 -4.87 -16.49 -6.56
CA ARG A 160 -4.14 -17.43 -5.74
C ARG A 160 -3.26 -18.34 -6.61
N ASN A 161 -3.43 -18.25 -7.93
CA ASN A 161 -2.55 -18.98 -8.86
C ASN A 161 -2.20 -18.21 -10.13
N GLY A 162 -2.80 -17.05 -10.31
CA GLY A 162 -2.55 -16.23 -11.50
C GLY A 162 -3.32 -16.71 -12.72
N THR A 163 -4.00 -17.85 -12.58
CA THR A 163 -4.70 -18.44 -13.72
C THR A 163 -5.93 -17.68 -14.16
N LYS A 164 -5.96 -17.37 -15.45
CA LYS A 164 -7.05 -16.67 -16.07
C LYS A 164 -8.06 -17.67 -16.63
N TYR A 165 -9.32 -17.47 -16.24
CA TYR A 165 -10.37 -18.38 -16.60
C TYR A 165 -11.17 -17.93 -17.81
N PRO A 166 -11.82 -18.89 -18.46
CA PRO A 166 -12.51 -18.62 -19.71
C PRO A 166 -13.64 -17.61 -19.55
N SER A 167 -13.76 -16.71 -20.52
CA SER A 167 -14.72 -15.63 -20.41
C SER A 167 -16.13 -16.18 -20.47
N GLU A 168 -16.32 -17.32 -21.12
CA GLU A 168 -17.66 -17.87 -21.23
C GLU A 168 -18.10 -18.36 -19.84
N LEU A 169 -17.15 -18.87 -19.06
CA LEU A 169 -17.48 -19.35 -17.72
C LEU A 169 -17.97 -18.19 -16.87
N ILE A 170 -17.27 -17.07 -17.00
CA ILE A 170 -17.57 -15.89 -16.19
C ILE A 170 -18.97 -15.36 -16.56
N LEU A 171 -19.29 -15.37 -17.85
CA LEU A 171 -20.60 -14.90 -18.27
C LEU A 171 -21.70 -15.85 -17.75
N ASP A 172 -21.41 -17.14 -17.76
CA ASP A 172 -22.33 -18.14 -17.20
C ASP A 172 -22.61 -17.90 -15.74
N ARG A 173 -21.57 -17.48 -15.04
CA ARG A 173 -21.66 -17.23 -13.59
C ARG A 173 -22.52 -16.02 -13.34
N VAL A 174 -22.40 -15.01 -14.20
CA VAL A 174 -23.26 -13.80 -14.13
C VAL A 174 -24.73 -14.22 -14.21
N ILE A 175 -25.01 -15.17 -15.10
CA ILE A 175 -26.37 -15.67 -15.34
C ILE A 175 -26.85 -16.41 -14.10
N GLN A 176 -25.97 -17.21 -13.53
CA GLN A 176 -26.34 -17.98 -12.33
C GLN A 176 -26.67 -17.05 -11.16
N VAL A 177 -25.93 -15.96 -11.05
CA VAL A 177 -26.18 -14.96 -10.00
C VAL A 177 -27.52 -14.24 -10.20
N GLU A 178 -27.72 -13.78 -11.43
CA GLU A 178 -28.96 -13.11 -11.86
C GLU A 178 -30.18 -13.97 -11.57
N LYS A 179 -30.11 -15.23 -11.93
CA LYS A 179 -31.18 -16.18 -11.63
C LYS A 179 -31.54 -16.20 -10.16
N ARG A 180 -30.54 -16.22 -9.30
CA ARG A 180 -30.77 -16.33 -7.87
C ARG A 180 -31.35 -15.07 -7.25
N LEU A 181 -31.06 -13.92 -7.88
CA LEU A 181 -31.51 -12.63 -7.36
C LEU A 181 -32.98 -12.46 -7.68
N GLY A 182 -33.40 -13.07 -8.76
CA GLY A 182 -34.78 -12.93 -9.21
C GLY A 182 -35.20 -11.47 -9.34
N ASN A 183 -36.28 -11.17 -8.63
N ASN A 183 -36.29 -11.14 -8.67
CA ASN A 183 -36.90 -9.85 -8.65
CA ASN A 183 -36.84 -9.77 -8.76
C ASN A 183 -36.14 -8.83 -7.83
C ASN A 183 -36.11 -8.80 -7.84
N ARG A 184 -35.08 -9.27 -7.18
CA ARG A 184 -34.26 -8.38 -6.34
C ARG A 184 -32.97 -7.97 -7.07
N ARG A 185 -32.88 -8.31 -8.34
CA ARG A 185 -31.71 -7.97 -9.17
C ARG A 185 -31.41 -6.47 -9.17
N VAL A 186 -32.51 -5.71 -9.13
CA VAL A 186 -32.45 -4.25 -9.15
C VAL A 186 -31.80 -3.70 -7.85
N GLU A 187 -31.70 -4.54 -6.83
CA GLU A 187 -31.19 -4.12 -5.54
C GLU A 187 -29.68 -4.36 -5.44
N LYS A 188 -29.11 -4.99 -6.46
CA LYS A 188 -27.67 -5.34 -6.44
C LYS A 188 -26.89 -4.83 -7.63
N LEU A 189 -25.56 -4.77 -7.44
CA LEU A 189 -24.62 -4.65 -8.54
C LEU A 189 -23.97 -6.01 -8.75
N ILE A 190 -23.88 -6.39 -10.02
CA ILE A 190 -23.11 -7.56 -10.45
C ILE A 190 -21.98 -7.01 -11.31
N ASN A 191 -20.78 -7.11 -10.75
CA ASN A 191 -19.59 -6.52 -11.34
C ASN A 191 -18.57 -7.62 -11.68
N ILE A 192 -17.76 -7.35 -12.69
CA ILE A 192 -16.68 -8.25 -13.08
C ILE A 192 -15.32 -7.56 -12.92
N ASP A 193 -14.38 -8.30 -12.31
CA ASP A 193 -13.04 -7.80 -12.00
C ASP A 193 -11.97 -8.83 -12.42
N GLY A 194 -10.79 -8.34 -12.77
CA GLY A 194 -9.67 -9.20 -13.10
C GLY A 194 -9.12 -9.00 -14.49
N SER A 195 -7.96 -8.36 -14.48
CA SER A 195 -7.15 -8.15 -15.64
C SER A 195 -8.02 -7.84 -16.86
N MSE A 196 -8.86 -6.82 -16.73
CA MSE A 196 -9.80 -6.44 -17.80
C MSE A 196 -9.07 -5.90 -19.02
O MSE A 196 -8.17 -5.09 -18.91
CB MSE A 196 -10.80 -5.37 -17.27
CG MSE A 196 -11.99 -5.07 -18.15
SE MSE A 196 -13.10 -6.69 -18.34
CE MSE A 196 -13.32 -7.11 -16.46
N THR A 197 -9.57 -6.31 -20.17
CA THR A 197 -9.03 -5.90 -21.47
C THR A 197 -10.19 -5.42 -22.32
N LEU A 198 -9.92 -4.73 -23.43
CA LEU A 198 -11.04 -4.25 -24.25
C LEU A 198 -11.80 -5.44 -24.84
N GLU A 199 -11.07 -6.52 -25.09
CA GLU A 199 -11.65 -7.74 -25.71
C GLU A 199 -12.62 -8.42 -24.73
N LEU A 200 -12.21 -8.52 -23.47
CA LEU A 200 -13.09 -9.10 -22.44
C LEU A 200 -14.28 -8.17 -22.27
N ALA A 201 -14.00 -6.87 -22.22
CA ALA A 201 -15.05 -5.88 -21.98
C ALA A 201 -16.17 -6.01 -23.01
N LYS A 202 -15.76 -6.25 -24.26
CA LYS A 202 -16.70 -6.28 -25.39
C LYS A 202 -17.51 -7.56 -25.37
N TYR A 203 -16.87 -8.63 -24.93
CA TYR A 203 -17.50 -9.93 -24.82
C TYR A 203 -18.55 -9.93 -23.75
N PHE A 204 -18.23 -9.32 -22.61
CA PHE A 204 -19.15 -9.28 -21.50
C PHE A 204 -20.33 -8.38 -21.74
N LYS A 205 -20.16 -7.39 -22.60
CA LYS A 205 -21.22 -6.40 -22.79
C LYS A 205 -22.06 -6.81 -24.00
N GLN A 206 -21.51 -7.69 -24.83
CA GLN A 206 -22.25 -8.25 -25.95
C GLN A 206 -23.18 -9.32 -25.41
N GLY A 207 -22.89 -9.77 -24.20
CA GLY A 207 -23.55 -10.94 -23.58
C GLY A 207 -25.02 -10.94 -23.19
N THR A 208 -25.75 -9.87 -23.53
CA THR A 208 -27.23 -9.69 -23.24
C THR A 208 -27.74 -9.87 -21.78
N HIS A 209 -26.80 -10.01 -20.84
CA HIS A 209 -27.12 -10.07 -19.40
C HIS A 209 -26.45 -8.89 -18.71
N GLN A 210 -27.23 -8.21 -17.90
CA GLN A 210 -26.79 -7.00 -17.21
C GLN A 210 -25.60 -7.17 -16.25
N ILE A 211 -24.48 -6.54 -16.63
CA ILE A 211 -23.30 -6.35 -15.74
C ILE A 211 -23.30 -4.85 -15.43
N ASP A 212 -23.20 -4.51 -14.16
CA ASP A 212 -23.22 -3.10 -13.74
C ASP A 212 -21.88 -2.39 -13.97
N TRP A 213 -20.86 -2.84 -13.27
CA TRP A 213 -19.51 -2.32 -13.47
C TRP A 213 -18.52 -3.34 -13.93
N LEU A 214 -17.65 -2.90 -14.84
CA LEU A 214 -16.45 -3.65 -15.11
C LEU A 214 -15.36 -2.86 -14.38
N VAL A 215 -14.43 -3.58 -13.79
CA VAL A 215 -13.29 -2.99 -13.11
C VAL A 215 -12.08 -2.96 -14.04
N SER A 216 -11.51 -1.78 -14.19
CA SER A 216 -10.32 -1.60 -15.00
C SER A 216 -9.04 -1.92 -14.22
N GLY A 217 -8.02 -2.28 -14.99
CA GLY A 217 -6.71 -2.64 -14.45
C GLY A 217 -5.57 -1.94 -15.17
N SER A 218 -4.49 -2.66 -15.35
CA SER A 218 -3.35 -2.13 -16.06
C SER A 218 -3.66 -1.72 -17.49
N ALA A 219 -4.61 -2.38 -18.13
CA ALA A 219 -4.87 -2.08 -19.58
C ALA A 219 -5.28 -0.63 -19.80
N LEU A 220 -6.07 -0.06 -18.90
CA LEU A 220 -6.49 1.33 -19.05
C LEU A 220 -5.30 2.31 -19.07
N PHE A 221 -4.24 1.92 -18.40
CA PHE A 221 -3.10 2.80 -18.23
C PHE A 221 -1.93 2.35 -19.09
N SER A 222 -2.18 1.40 -19.99
CA SER A 222 -1.15 0.99 -20.94
C SER A 222 -1.41 1.87 -22.13
N GLY A 223 -0.59 2.90 -22.25
CA GLY A 223 -0.84 4.01 -23.18
C GLY A 223 -1.52 5.10 -22.38
N GLU A 224 -1.70 6.27 -22.97
CA GLU A 224 -2.34 7.39 -22.27
C GLU A 224 -3.78 7.10 -21.85
N LEU A 225 -4.11 7.47 -20.62
CA LEU A 225 -5.47 7.28 -20.13
C LEU A 225 -6.47 7.89 -21.12
N LYS A 226 -6.17 9.08 -21.60
CA LYS A 226 -7.09 9.85 -22.46
C LYS A 226 -7.40 9.10 -23.73
N THR A 227 -6.35 8.52 -24.30
CA THR A 227 -6.47 7.72 -25.50
C THR A 227 -7.39 6.53 -25.24
N ASN A 228 -7.06 5.79 -24.19
CA ASN A 228 -7.78 4.57 -23.86
C ASN A 228 -9.24 4.83 -23.49
N LEU A 229 -9.50 6.00 -22.95
CA LEU A 229 -10.87 6.38 -22.55
C LEU A 229 -11.70 6.63 -23.80
N LYS A 230 -11.05 7.21 -24.81
CA LYS A 230 -11.72 7.47 -26.08
C LYS A 230 -12.13 6.14 -26.69
N VAL A 231 -11.30 5.13 -26.54
CA VAL A 231 -11.64 3.82 -27.09
C VAL A 231 -12.76 3.18 -26.30
N TRP A 232 -12.66 3.24 -24.98
CA TRP A 232 -13.67 2.67 -24.10
C TRP A 232 -15.01 3.29 -24.48
N LYS A 233 -14.99 4.60 -24.66
CA LYS A 233 -16.22 5.37 -24.87
C LYS A 233 -16.77 5.14 -26.26
N SER A 234 -15.89 4.70 -27.17
N SER A 234 -15.91 4.68 -27.18
CA SER A 234 -16.27 4.46 -28.56
CA SER A 234 -16.36 4.46 -28.56
C SER A 234 -16.66 3.01 -28.74
C SER A 234 -16.63 2.99 -28.80
N SER A 235 -15.87 2.12 -28.14
CA SER A 235 -16.00 0.66 -28.35
C SER A 235 -17.01 -0.02 -27.44
N ILE A 236 -16.98 0.37 -26.16
CA ILE A 236 -17.89 -0.20 -25.15
C ILE A 236 -18.73 0.92 -24.54
N MSE B 2 32.82 3.72 -7.13
CA MSE B 2 32.54 3.61 -5.65
C MSE B 2 32.16 2.21 -5.15
O MSE B 2 31.36 1.48 -5.76
CB MSE B 2 31.43 4.58 -5.21
CG MSE B 2 31.89 6.00 -4.88
SE MSE B 2 30.52 7.02 -3.87
CE MSE B 2 31.65 8.41 -3.07
N SER B 3 32.75 1.88 -4.01
CA SER B 3 32.43 0.66 -3.26
C SER B 3 31.25 0.93 -2.35
N LYS B 4 30.88 -0.09 -1.60
CA LYS B 4 29.78 0.03 -0.64
C LYS B 4 30.18 1.03 0.43
N LEU B 5 31.42 0.93 0.90
CA LEU B 5 31.96 1.82 1.95
C LEU B 5 31.97 3.27 1.52
N SER B 6 32.27 3.53 0.27
CA SER B 6 32.33 4.93 -0.16
C SER B 6 30.92 5.50 -0.32
N LEU B 7 30.00 4.67 -0.79
CA LEU B 7 28.58 5.05 -0.86
C LEU B 7 28.10 5.44 0.56
N ILE B 8 28.41 4.58 1.53
CA ILE B 8 28.04 4.82 2.93
C ILE B 8 28.54 6.19 3.41
N GLN B 9 29.79 6.51 3.09
CA GLN B 9 30.30 7.84 3.48
C GLN B 9 29.52 8.99 2.83
N GLN B 10 29.20 8.84 1.57
CA GLN B 10 28.44 9.85 0.82
C GLN B 10 27.04 9.95 1.43
N LEU B 11 26.44 8.80 1.71
CA LEU B 11 25.10 8.79 2.32
C LEU B 11 25.05 9.54 3.66
N LYS B 12 26.17 9.54 4.37
CA LYS B 12 26.27 10.22 5.66
C LYS B 12 26.22 11.73 5.54
N GLN B 13 26.35 12.22 4.33
CA GLN B 13 26.27 13.66 4.11
C GLN B 13 24.85 14.14 4.23
N GLN B 14 23.92 13.22 4.08
CA GLN B 14 22.51 13.52 4.30
C GLN B 14 22.11 13.13 5.71
N LYS B 15 21.13 13.84 6.25
CA LYS B 15 20.74 13.70 7.65
C LYS B 15 19.27 13.23 7.86
N LEU B 16 18.54 13.12 6.77
CA LEU B 16 17.11 12.87 6.79
C LEU B 16 16.69 11.87 5.72
N SER B 17 16.00 10.82 6.15
CA SER B 17 15.42 9.85 5.25
C SER B 17 13.91 10.12 5.32
N VAL B 18 13.38 10.62 4.20
CA VAL B 18 12.00 11.13 4.17
C VAL B 18 10.94 10.06 3.87
N GLY B 19 10.03 9.89 4.81
CA GLY B 19 8.87 9.00 4.66
C GLY B 19 7.90 9.66 3.70
N ILE B 20 8.17 9.43 2.42
CA ILE B 20 7.50 10.14 1.32
C ILE B 20 6.00 9.83 1.23
N LEU B 21 5.63 8.60 1.60
CA LEU B 21 4.23 8.22 1.51
C LEU B 21 3.38 8.74 2.70
N SER B 22 4.02 9.54 3.54
CA SER B 22 3.36 10.32 4.59
C SER B 22 2.75 11.58 3.97
N ALA B 23 3.15 11.85 2.72
CA ALA B 23 2.59 12.96 1.97
C ALA B 23 1.17 12.65 1.45
N ASN B 24 0.50 13.69 0.95
CA ASN B 24 -0.77 13.48 0.28
C ASN B 24 -0.45 12.82 -1.05
N TRP B 25 -1.06 11.67 -1.32
CA TRP B 25 -0.65 10.87 -2.47
C TRP B 25 -0.91 11.54 -3.82
N LEU B 26 -1.81 12.53 -3.81
CA LEU B 26 -2.14 13.23 -5.06
C LEU B 26 -1.10 14.31 -5.30
N GLN B 27 -0.13 14.41 -4.38
CA GLN B 27 0.88 15.46 -4.44
C GLN B 27 2.28 14.96 -4.46
N LEU B 28 2.42 13.66 -4.70
CA LEU B 28 3.72 13.03 -4.60
C LEU B 28 4.82 13.63 -5.49
N ASN B 29 4.47 14.03 -6.71
CA ASN B 29 5.48 14.56 -7.59
C ASN B 29 5.96 15.93 -7.10
N GLU B 30 5.03 16.77 -6.63
CA GLU B 30 5.40 18.13 -6.19
C GLU B 30 6.31 17.99 -4.98
N GLU B 31 6.00 17.01 -4.15
CA GLU B 31 6.71 16.83 -2.87
C GLU B 31 8.09 16.33 -3.18
N VAL B 32 8.23 15.36 -4.07
CA VAL B 32 9.56 14.89 -4.43
C VAL B 32 10.41 16.03 -5.04
N THR B 33 9.75 16.87 -5.81
CA THR B 33 10.47 17.99 -6.47
C THR B 33 11.02 18.93 -5.43
N THR B 34 10.21 19.23 -4.42
CA THR B 34 10.62 20.11 -3.32
C THR B 34 11.84 19.58 -2.55
N LEU B 35 11.87 18.28 -2.33
CA LEU B 35 12.97 17.66 -1.58
C LEU B 35 14.25 17.77 -2.40
N LEU B 36 14.12 17.46 -3.69
CA LEU B 36 15.29 17.49 -4.54
C LEU B 36 15.84 18.94 -4.60
N GLU B 37 14.92 19.90 -4.63
CA GLU B 37 15.29 21.30 -4.67
C GLU B 37 16.05 21.67 -3.41
N ASN B 38 15.86 20.85 -2.38
CA ASN B 38 16.44 21.07 -1.05
C ASN B 38 17.57 20.12 -0.74
N GLN B 39 18.14 19.51 -1.77
N GLN B 39 18.06 19.49 -1.81
CA GLN B 39 19.30 18.66 -1.57
CA GLN B 39 19.23 18.61 -1.74
C GLN B 39 18.97 17.47 -0.67
C GLN B 39 19.00 17.36 -0.90
N ILE B 40 17.73 17.01 -0.72
CA ILE B 40 17.32 15.80 0.01
C ILE B 40 16.86 14.78 -1.02
N ASN B 41 17.48 13.61 -1.04
CA ASN B 41 16.99 12.57 -2.00
C ASN B 41 16.88 11.17 -1.42
N VAL B 42 16.91 11.09 -0.09
CA VAL B 42 16.72 9.81 0.57
C VAL B 42 15.24 9.68 0.94
N LEU B 43 14.62 8.65 0.36
CA LEU B 43 13.21 8.38 0.60
C LEU B 43 13.04 7.05 1.32
N HIS B 44 12.29 7.14 2.43
CA HIS B 44 11.96 5.99 3.29
C HIS B 44 10.58 5.45 2.97
N PHE B 45 10.51 4.13 2.88
CA PHE B 45 9.25 3.42 2.66
C PHE B 45 9.09 2.33 3.72
N ASP B 46 7.92 2.33 4.36
CA ASP B 46 7.49 1.28 5.27
C ASP B 46 6.59 0.31 4.50
N ILE B 47 7.17 -0.86 4.26
CA ILE B 47 6.55 -1.95 3.56
C ILE B 47 6.08 -2.91 4.64
N ALA B 48 4.78 -2.87 4.91
CA ALA B 48 4.18 -3.56 6.03
C ALA B 48 2.91 -4.25 5.58
N ASP B 49 2.81 -5.52 5.95
CA ASP B 49 1.77 -6.41 5.44
C ASP B 49 0.63 -6.77 6.35
N GLY B 50 0.54 -6.12 7.50
CA GLY B 50 -0.49 -6.38 8.46
C GLY B 50 -0.26 -7.68 9.20
N GLN B 51 0.89 -8.30 8.96
CA GLN B 51 1.23 -9.57 9.61
C GLN B 51 2.28 -9.45 10.74
N PHE B 52 3.40 -8.78 10.47
CA PHE B 52 4.40 -8.59 11.50
C PHE B 52 3.79 -7.84 12.64
N SER B 53 2.97 -6.85 12.27
CA SER B 53 2.15 -6.09 13.18
C SER B 53 0.86 -5.73 12.44
N SER B 54 0.00 -4.94 13.07
CA SER B 54 -1.25 -4.62 12.42
C SER B 54 -1.01 -3.60 11.34
N LEU B 55 0.21 -3.06 11.33
CA LEU B 55 0.56 -2.06 10.31
C LEU B 55 0.57 -2.66 8.92
N PHE B 56 -0.17 -2.04 8.04
CA PHE B 56 -0.44 -2.57 6.69
C PHE B 56 -0.49 -1.36 5.80
N THR B 57 0.60 -1.11 5.13
CA THR B 57 0.79 0.15 4.41
C THR B 57 0.76 -0.01 2.91
N VAL B 58 1.87 -0.52 2.39
CA VAL B 58 2.07 -0.72 0.98
C VAL B 58 3.10 -1.80 0.75
N GLY B 59 2.96 -2.48 -0.40
CA GLY B 59 3.89 -3.44 -0.89
C GLY B 59 4.91 -2.83 -1.82
N ALA B 60 5.55 -3.66 -2.60
CA ALA B 60 6.67 -3.21 -3.42
C ALA B 60 6.31 -2.11 -4.46
N ILE B 61 5.06 -2.12 -4.89
CA ILE B 61 4.54 -1.13 -5.83
C ILE B 61 4.75 0.29 -5.28
N GLY B 62 4.77 0.43 -3.95
CA GLY B 62 4.94 1.73 -3.33
C GLY B 62 6.20 2.48 -3.71
N ILE B 63 7.25 1.74 -4.05
CA ILE B 63 8.55 2.37 -4.35
C ILE B 63 8.79 2.53 -5.84
N LYS B 64 7.99 1.83 -6.63
CA LYS B 64 8.22 1.66 -8.06
C LYS B 64 8.35 2.97 -8.83
N TYR B 65 7.47 3.94 -8.55
CA TYR B 65 7.35 5.13 -9.41
C TYR B 65 8.22 6.30 -8.99
N PHE B 66 8.95 6.13 -7.90
CA PHE B 66 9.89 7.16 -7.48
C PHE B 66 11.16 7.04 -8.31
N PRO B 67 11.76 8.21 -8.65
CA PRO B 67 12.91 8.25 -9.53
C PRO B 67 14.08 7.45 -9.04
N THR B 68 14.78 6.89 -9.99
CA THR B 68 15.93 6.07 -9.65
C THR B 68 17.10 6.93 -9.21
N HIS B 69 16.97 8.26 -9.23
CA HIS B 69 18.04 9.13 -8.73
C HIS B 69 17.81 9.49 -7.26
N CYS B 70 16.72 8.98 -6.73
CA CYS B 70 16.50 9.05 -5.30
C CYS B 70 17.07 7.78 -4.68
N PHE B 71 17.61 7.88 -3.45
CA PHE B 71 18.05 6.67 -2.76
C PHE B 71 16.83 6.08 -2.02
N LYS B 72 16.42 4.86 -2.36
CA LYS B 72 15.23 4.22 -1.75
C LYS B 72 15.64 3.38 -0.56
N ASP B 73 15.21 3.84 0.61
CA ASP B 73 15.52 3.25 1.91
C ASP B 73 14.23 2.51 2.26
N VAL B 74 14.27 1.19 2.11
CA VAL B 74 13.09 0.36 2.17
C VAL B 74 13.06 -0.53 3.44
N HIS B 75 12.13 -0.19 4.31
CA HIS B 75 11.99 -0.74 5.63
C HIS B 75 10.88 -1.78 5.64
N LEU B 76 11.30 -3.02 5.77
CA LEU B 76 10.31 -4.14 5.80
C LEU B 76 9.83 -4.48 7.21
N MSE B 77 8.50 -4.55 7.36
CA MSE B 77 7.82 -5.01 8.57
C MSE B 77 6.78 -6.00 8.10
O MSE B 77 5.58 -5.72 8.05
CB MSE B 77 7.18 -3.88 9.37
CG MSE B 77 8.22 -2.98 10.03
SE MSE B 77 7.51 -1.43 10.82
CE MSE B 77 7.31 -0.38 9.19
N VAL B 78 7.30 -7.16 7.72
CA VAL B 78 6.50 -8.21 7.08
C VAL B 78 6.81 -9.61 7.62
N ARG B 79 5.88 -10.54 7.34
CA ARG B 79 6.06 -11.95 7.68
C ARG B 79 7.12 -12.65 6.85
N ASN B 80 6.95 -12.63 5.51
N ASN B 80 6.97 -12.56 5.54
CA ASN B 80 7.91 -13.24 4.53
CA ASN B 80 7.88 -13.25 4.66
C ASN B 80 8.88 -12.23 3.97
C ASN B 80 8.86 -12.26 3.99
N GLN B 81 9.98 -12.05 4.68
CA GLN B 81 10.97 -11.05 4.35
C GLN B 81 11.69 -11.36 3.10
N LEU B 82 11.99 -12.64 2.91
CA LEU B 82 12.76 -13.02 1.72
C LEU B 82 12.01 -12.64 0.45
N GLU B 83 10.74 -13.00 0.42
CA GLU B 83 9.88 -12.79 -0.75
C GLU B 83 9.70 -11.28 -1.01
N VAL B 84 9.45 -10.53 0.05
CA VAL B 84 9.25 -9.09 -0.09
C VAL B 84 10.56 -8.39 -0.51
N ALA B 85 11.68 -8.82 0.08
CA ALA B 85 13.01 -8.31 -0.27
C ALA B 85 13.24 -8.48 -1.77
N LYS B 86 12.92 -9.65 -2.30
CA LYS B 86 13.10 -9.86 -3.75
C LYS B 86 12.26 -8.85 -4.53
N ALA B 87 11.02 -8.65 -4.07
CA ALA B 87 10.09 -7.75 -4.77
C ALA B 87 10.55 -6.30 -4.72
N VAL B 88 11.05 -5.87 -3.57
CA VAL B 88 11.48 -4.43 -3.43
C VAL B 88 12.80 -4.19 -4.16
N VAL B 89 13.66 -5.21 -4.18
CA VAL B 89 14.93 -5.05 -4.90
C VAL B 89 14.60 -4.91 -6.41
N ALA B 90 13.64 -5.72 -6.87
CA ALA B 90 13.20 -5.68 -8.28
C ALA B 90 12.64 -4.31 -8.64
N ASN B 91 12.08 -3.59 -7.67
CA ASN B 91 11.50 -2.28 -7.90
C ASN B 91 12.51 -1.17 -7.55
N GLY B 92 13.76 -1.55 -7.33
CA GLY B 92 14.86 -0.57 -7.19
C GLY B 92 15.32 -0.18 -5.79
N ALA B 93 14.94 -0.93 -4.77
CA ALA B 93 15.43 -0.67 -3.41
C ALA B 93 16.94 -0.50 -3.40
N ASN B 94 17.42 0.50 -2.67
CA ASN B 94 18.88 0.73 -2.54
C ASN B 94 19.41 0.22 -1.21
N LEU B 95 18.49 0.19 -0.24
CA LEU B 95 18.68 -0.32 1.12
C LEU B 95 17.43 -1.08 1.48
N VAL B 96 17.62 -2.30 1.97
CA VAL B 96 16.55 -3.14 2.46
C VAL B 96 16.81 -3.41 3.93
N THR B 97 15.91 -2.88 4.75
CA THR B 97 16.00 -3.04 6.19
C THR B 97 14.99 -4.05 6.66
N LEU B 98 15.52 -5.05 7.36
CA LEU B 98 14.74 -6.16 7.92
C LEU B 98 14.47 -5.96 9.39
N GLN B 99 13.44 -6.63 9.92
CA GLN B 99 13.18 -6.65 11.34
C GLN B 99 13.92 -7.81 12.00
N LEU B 100 14.73 -7.48 12.98
CA LEU B 100 15.52 -8.52 13.66
C LEU B 100 14.60 -9.57 14.33
N GLU B 101 13.40 -9.14 14.68
CA GLU B 101 12.41 -9.99 15.39
C GLU B 101 11.82 -11.08 14.49
N GLN B 102 12.06 -10.94 13.18
CA GLN B 102 11.63 -11.94 12.19
C GLN B 102 12.72 -12.95 12.03
N TYR B 103 12.85 -13.75 13.09
CA TYR B 103 13.98 -14.64 13.27
C TYR B 103 14.07 -15.72 12.21
N HIS B 104 12.91 -16.13 11.70
CA HIS B 104 12.84 -17.32 10.84
C HIS B 104 13.50 -17.18 9.49
N ASP B 105 13.55 -15.97 8.95
CA ASP B 105 14.17 -15.79 7.64
C ASP B 105 15.16 -14.63 7.57
N PHE B 106 15.49 -14.06 8.72
CA PHE B 106 16.44 -12.94 8.77
C PHE B 106 17.82 -13.24 8.14
N ALA B 107 18.50 -14.26 8.66
CA ALA B 107 19.80 -14.67 8.14
C ALA B 107 19.72 -15.04 6.66
N LEU B 108 18.71 -15.83 6.32
CA LEU B 108 18.52 -16.22 4.90
C LEU B 108 18.34 -15.03 3.99
N THR B 109 17.57 -14.04 4.46
CA THR B 109 17.30 -12.87 3.66
C THR B 109 18.55 -11.97 3.51
N ILE B 110 19.37 -11.86 4.53
CA ILE B 110 20.57 -11.04 4.38
C ILE B 110 21.56 -11.75 3.47
N GLU B 111 21.49 -13.08 3.47
CA GLU B 111 22.35 -13.88 2.58
C GLU B 111 22.01 -13.61 1.12
N TRP B 112 20.71 -13.53 0.84
CA TRP B 112 20.22 -13.25 -0.49
C TRP B 112 20.57 -11.82 -0.85
N LEU B 113 20.29 -10.90 0.06
CA LEU B 113 20.55 -9.50 -0.18
C LEU B 113 22.02 -9.25 -0.52
N ALA B 114 22.92 -9.95 0.18
CA ALA B 114 24.34 -9.74 0.02
C ALA B 114 24.82 -10.00 -1.42
N LYS B 115 24.03 -10.69 -2.21
CA LYS B 115 24.41 -10.98 -3.59
C LYS B 115 23.84 -9.94 -4.59
N GLN B 116 23.12 -8.94 -4.09
CA GLN B 116 22.36 -8.07 -4.98
C GLN B 116 23.02 -6.75 -5.21
N LYS B 117 22.80 -6.22 -6.40
CA LYS B 117 23.35 -4.98 -6.85
C LYS B 117 22.28 -4.13 -7.47
N THR B 118 22.45 -2.82 -7.41
CA THR B 118 21.41 -1.93 -7.77
C THR B 118 22.01 -0.68 -8.33
N THR B 119 21.16 0.20 -8.84
CA THR B 119 21.60 1.43 -9.46
C THR B 119 21.25 2.64 -8.60
N TYR B 120 22.25 3.42 -8.24
CA TYR B 120 22.05 4.70 -7.56
C TYR B 120 22.86 5.74 -8.33
N ALA B 121 22.18 6.81 -8.73
CA ALA B 121 22.76 7.76 -9.67
C ALA B 121 22.81 7.01 -10.98
N ASN B 122 24.02 6.99 -11.53
CA ASN B 122 24.34 6.19 -12.70
C ASN B 122 25.57 5.33 -12.41
N GLN B 123 25.45 4.54 -11.36
CA GLN B 123 26.50 3.62 -10.89
C GLN B 123 25.85 2.44 -10.17
N VAL B 124 26.51 1.29 -10.28
CA VAL B 124 26.02 0.05 -9.69
C VAL B 124 26.67 -0.18 -8.34
N TYR B 125 25.85 -0.38 -7.33
CA TYR B 125 26.35 -0.64 -5.98
C TYR B 125 25.70 -1.87 -5.41
N PRO B 126 26.33 -2.49 -4.40
CA PRO B 126 25.60 -3.51 -3.69
C PRO B 126 24.43 -2.88 -2.95
N VAL B 127 23.36 -3.65 -2.80
CA VAL B 127 22.21 -3.22 -2.02
C VAL B 127 22.70 -3.13 -0.57
N LEU B 128 22.36 -2.05 0.12
CA LEU B 128 22.70 -1.97 1.54
C LEU B 128 21.71 -2.76 2.39
N ILE B 129 22.21 -3.29 3.49
CA ILE B 129 21.41 -4.17 4.32
C ILE B 129 21.22 -3.57 5.69
N GLY B 130 19.97 -3.50 6.09
CA GLY B 130 19.67 -2.99 7.41
C GLY B 130 19.01 -3.98 8.31
N ALA B 131 19.20 -3.75 9.61
CA ALA B 131 18.54 -4.48 10.67
C ALA B 131 17.86 -3.46 11.59
N CYS B 132 16.56 -3.63 11.78
CA CYS B 132 15.77 -2.77 12.64
C CYS B 132 15.30 -3.55 13.88
N LEU B 133 15.39 -2.88 15.01
CA LEU B 133 14.95 -3.40 16.28
C LEU B 133 13.86 -2.54 16.91
N CYS B 134 12.81 -3.21 17.32
CA CYS B 134 11.80 -2.63 18.23
C CYS B 134 12.47 -2.39 19.58
N PRO B 135 11.91 -1.48 20.37
CA PRO B 135 12.58 -1.04 21.57
C PRO B 135 12.96 -2.08 22.60
N GLU B 136 12.18 -3.16 22.74
CA GLU B 136 12.40 -4.15 23.79
C GLU B 136 13.29 -5.29 23.33
N THR B 137 13.61 -5.29 22.05
CA THR B 137 14.52 -6.30 21.53
C THR B 137 15.96 -6.01 22.02
N PRO B 138 16.59 -7.00 22.68
CA PRO B 138 17.94 -6.77 23.15
C PRO B 138 18.94 -6.51 22.01
N ILE B 139 19.72 -5.45 22.21
CA ILE B 139 20.81 -5.07 21.31
C ILE B 139 21.79 -6.22 21.11
N SER B 140 22.00 -7.01 22.16
CA SER B 140 22.89 -8.18 22.04
C SER B 140 22.48 -9.14 20.93
N GLU B 141 21.20 -9.17 20.59
CA GLU B 141 20.73 -10.07 19.51
C GLU B 141 21.26 -9.66 18.13
N LEU B 142 21.77 -8.44 18.04
CA LEU B 142 22.40 -7.99 16.79
C LEU B 142 23.79 -8.56 16.59
N GLU B 143 24.38 -9.05 17.67
CA GLU B 143 25.83 -9.38 17.63
C GLU B 143 26.30 -10.26 16.48
N PRO B 144 25.58 -11.34 16.17
CA PRO B 144 25.98 -12.24 15.08
C PRO B 144 25.98 -11.61 13.68
N TYR B 145 25.35 -10.46 13.53
CA TYR B 145 25.13 -9.90 12.23
C TYR B 145 25.80 -8.55 12.01
N LEU B 146 26.52 -8.08 13.01
CA LEU B 146 27.08 -6.77 12.89
C LEU B 146 27.99 -6.61 11.67
N ASP B 147 28.67 -7.64 11.23
CA ASP B 147 29.59 -7.44 10.10
C ASP B 147 28.84 -7.57 8.77
N GLN B 148 27.70 -8.23 8.81
CA GLN B 148 26.95 -8.47 7.58
C GLN B 148 25.99 -7.33 7.19
N ILE B 149 25.72 -6.46 8.13
CA ILE B 149 24.81 -5.36 7.90
C ILE B 149 25.53 -4.03 7.74
N ASP B 150 24.84 -3.11 7.09
CA ASP B 150 25.31 -1.77 6.90
C ASP B 150 24.60 -0.74 7.76
N VAL B 151 23.35 -1.04 8.09
CA VAL B 151 22.51 -0.06 8.78
C VAL B 151 21.87 -0.70 9.97
N ILE B 152 21.94 0.01 11.11
CA ILE B 152 21.20 -0.38 12.28
C ILE B 152 20.17 0.70 12.49
N GLN B 153 18.91 0.28 12.44
CA GLN B 153 17.80 1.17 12.66
C GLN B 153 17.04 0.85 13.96
N LEU B 154 16.97 1.88 14.77
CA LEU B 154 16.23 1.78 16.00
C LEU B 154 14.87 2.48 15.90
N LEU B 155 13.84 1.67 16.11
CA LEU B 155 12.47 2.17 16.30
C LEU B 155 12.26 2.83 17.68
N THR B 156 11.49 3.93 17.69
CA THR B 156 11.15 4.63 18.92
C THR B 156 9.88 4.05 19.55
N LEU B 157 9.25 3.16 18.77
CA LEU B 157 8.00 2.52 19.16
C LEU B 157 7.93 1.10 18.59
N ASP B 158 7.05 0.32 19.15
CA ASP B 158 6.78 -1.04 18.68
C ASP B 158 5.40 -1.09 18.02
N PRO B 159 5.35 -1.29 16.69
CA PRO B 159 4.01 -1.31 16.10
C PRO B 159 3.14 -2.47 16.59
N ARG B 160 3.73 -3.43 17.30
CA ARG B 160 2.96 -4.58 17.80
C ARG B 160 2.28 -4.29 19.14
N ASN B 161 2.60 -3.09 19.65
N ASN B 161 2.52 -3.13 19.73
CA ASN B 161 2.28 -2.62 21.00
CA ASN B 161 1.83 -2.81 20.98
C ASN B 161 1.57 -1.30 21.04
C ASN B 161 1.57 -1.34 21.07
N GLY B 162 1.07 -0.96 22.22
CA GLY B 162 0.64 0.40 22.48
C GLY B 162 1.55 1.07 23.51
N THR B 163 2.72 0.47 23.75
CA THR B 163 3.65 1.02 24.76
C THR B 163 4.31 2.31 24.34
N LYS B 164 4.36 3.23 25.31
CA LYS B 164 5.03 4.53 25.13
C LYS B 164 6.46 4.41 25.66
N TYR B 165 7.44 4.33 24.77
CA TYR B 165 8.84 4.16 25.24
C TYR B 165 9.58 5.47 25.39
N PRO B 166 10.16 5.70 26.58
CA PRO B 166 10.92 6.94 26.78
C PRO B 166 12.02 7.11 25.75
N SER B 167 12.19 8.35 25.27
N SER B 167 12.17 8.35 25.29
CA SER B 167 13.15 8.62 24.20
CA SER B 167 13.13 8.69 24.25
C SER B 167 14.57 8.40 24.69
C SER B 167 14.55 8.40 24.70
N GLU B 168 14.75 8.58 26.00
CA GLU B 168 16.06 8.36 26.62
C GLU B 168 16.54 6.94 26.39
N LEU B 169 15.62 5.99 26.38
CA LEU B 169 15.98 4.57 26.18
C LEU B 169 16.50 4.34 24.80
N ILE B 170 15.99 5.11 23.83
CA ILE B 170 16.47 4.95 22.43
C ILE B 170 17.92 5.44 22.29
N LEU B 171 18.24 6.55 22.94
CA LEU B 171 19.61 7.02 22.91
C LEU B 171 20.54 6.02 23.65
N ASP B 172 20.06 5.44 24.73
CA ASP B 172 20.81 4.41 25.46
C ASP B 172 21.15 3.28 24.53
N ARG B 173 20.20 2.95 23.65
CA ARG B 173 20.36 1.84 22.70
C ARG B 173 21.36 2.14 21.61
N VAL B 174 21.42 3.39 21.19
CA VAL B 174 22.48 3.84 20.26
C VAL B 174 23.87 3.57 20.89
N ILE B 175 24.00 3.90 22.17
CA ILE B 175 25.28 3.68 22.90
C ILE B 175 25.59 2.19 22.92
N GLN B 176 24.58 1.36 23.19
CA GLN B 176 24.78 -0.08 23.20
C GLN B 176 25.25 -0.61 21.82
N VAL B 177 24.77 0.02 20.77
CA VAL B 177 25.16 -0.41 19.42
C VAL B 177 26.61 0.03 19.14
N GLU B 178 26.87 1.27 19.46
CA GLU B 178 28.18 1.91 19.31
C GLU B 178 29.21 1.09 20.03
N LYS B 179 28.93 0.72 21.28
CA LYS B 179 29.91 -0.02 22.09
C LYS B 179 30.28 -1.37 21.47
N ARG B 180 29.29 -2.03 20.89
CA ARG B 180 29.52 -3.32 20.25
C ARG B 180 30.30 -3.21 18.96
N LEU B 181 30.00 -2.16 18.18
CA LEU B 181 30.66 -1.94 16.89
C LEU B 181 32.13 -1.63 17.03
N GLY B 182 32.48 -0.84 18.04
CA GLY B 182 33.86 -0.41 18.16
C GLY B 182 34.30 0.43 16.98
N ASN B 183 35.46 0.11 16.45
CA ASN B 183 36.01 0.86 15.31
C ASN B 183 35.21 0.61 14.01
N ARG B 184 34.28 -0.33 14.06
CA ARG B 184 33.44 -0.61 12.89
C ARG B 184 32.34 0.44 12.65
N ARG B 185 32.13 1.29 13.65
CA ARG B 185 31.06 2.31 13.59
C ARG B 185 31.09 3.16 12.34
N VAL B 186 32.30 3.50 11.92
CA VAL B 186 32.47 4.36 10.75
C VAL B 186 31.88 3.74 9.48
N GLU B 187 31.80 2.41 9.48
CA GLU B 187 31.33 1.64 8.32
C GLU B 187 29.79 1.56 8.22
N LYS B 188 29.10 2.03 9.26
CA LYS B 188 27.66 1.82 9.39
C LYS B 188 26.89 3.10 9.50
N LEU B 189 25.59 3.02 9.21
CA LEU B 189 24.62 4.04 9.57
C LEU B 189 23.86 3.55 10.80
N ILE B 190 23.72 4.43 11.76
CA ILE B 190 22.82 4.18 12.90
C ILE B 190 21.72 5.25 12.77
N ASN B 191 20.53 4.75 12.44
CA ASN B 191 19.34 5.57 12.16
C ASN B 191 18.22 5.34 13.14
N ILE B 192 17.41 6.39 13.32
CA ILE B 192 16.26 6.36 14.25
C ILE B 192 14.97 6.62 13.48
N ASP B 193 14.01 5.76 13.73
CA ASP B 193 12.71 5.78 13.06
C ASP B 193 11.54 5.67 14.04
N GLY B 194 10.47 6.41 13.76
CA GLY B 194 9.23 6.24 14.50
C GLY B 194 8.70 7.51 15.10
N SER B 195 7.56 7.92 14.58
CA SER B 195 6.87 9.13 15.03
C SER B 195 7.80 10.32 15.31
N MSE B 196 8.68 10.61 14.37
CA MSE B 196 9.65 11.68 14.55
C MSE B 196 8.99 13.06 14.57
O MSE B 196 8.14 13.36 13.75
CB MSE B 196 10.70 11.61 13.46
CG MSE B 196 11.95 12.51 13.61
SE MSE B 196 12.93 11.98 15.20
CE MSE B 196 13.15 10.09 14.93
N THR B 197 9.42 13.89 15.52
CA THR B 197 8.97 15.27 15.65
C THR B 197 10.20 16.16 15.75
N LEU B 198 10.01 17.47 15.67
CA LEU B 198 11.17 18.39 15.74
C LEU B 198 11.83 18.27 17.10
N GLU B 199 11.00 18.17 18.12
CA GLU B 199 11.45 18.07 19.50
C GLU B 199 12.32 16.85 19.64
N LEU B 200 11.81 15.74 19.15
CA LEU B 200 12.50 14.48 19.29
C LEU B 200 13.82 14.53 18.52
N ALA B 201 13.75 15.08 17.32
CA ALA B 201 14.98 15.26 16.48
C ALA B 201 16.05 16.06 17.20
N LYS B 202 15.62 17.15 17.84
CA LYS B 202 16.58 18.02 18.54
C LYS B 202 17.20 17.21 19.67
N TYR B 203 16.38 16.45 20.37
CA TYR B 203 16.87 15.60 21.43
C TYR B 203 17.90 14.61 20.91
N PHE B 204 17.60 13.91 19.82
CA PHE B 204 18.52 12.88 19.34
C PHE B 204 19.75 13.51 18.78
N LYS B 205 19.62 14.72 18.26
CA LYS B 205 20.73 15.35 17.61
C LYS B 205 21.47 16.11 18.69
N GLN B 206 20.88 16.20 19.88
CA GLN B 206 21.51 16.94 21.02
C GLN B 206 22.77 16.22 21.43
N GLY B 207 23.42 15.67 20.41
CA GLY B 207 24.79 15.16 20.47
C GLY B 207 25.36 14.12 21.39
N THR B 208 26.69 14.12 21.27
CA THR B 208 27.64 13.20 21.87
C THR B 208 27.68 11.95 20.96
N HIS B 209 26.54 11.28 20.84
CA HIS B 209 26.46 10.03 20.12
C HIS B 209 25.85 10.11 18.71
N GLN B 210 26.73 10.07 17.71
CA GLN B 210 26.37 10.18 16.29
C GLN B 210 25.24 9.27 15.85
N ILE B 211 24.26 9.93 15.27
CA ILE B 211 23.11 9.31 14.63
C ILE B 211 23.24 9.82 13.22
N ASP B 212 23.05 8.93 12.25
CA ASP B 212 23.23 9.29 10.85
C ASP B 212 21.96 9.88 10.21
N TRP B 213 20.93 9.05 10.02
CA TRP B 213 19.63 9.53 9.57
C TRP B 213 18.55 9.44 10.64
N LEU B 214 17.75 10.52 10.72
CA LEU B 214 16.44 10.46 11.32
C LEU B 214 15.45 10.21 10.15
N VAL B 215 14.52 9.30 10.37
CA VAL B 215 13.45 9.03 9.43
C VAL B 215 12.23 9.86 9.81
N SER B 216 11.74 10.63 8.82
CA SER B 216 10.61 11.48 9.02
C SER B 216 9.33 10.69 8.75
N GLY B 217 8.25 11.18 9.32
CA GLY B 217 6.90 10.64 9.17
C GLY B 217 5.85 11.72 8.92
N SER B 218 4.75 11.61 9.62
CA SER B 218 3.61 12.47 9.38
C SER B 218 3.95 13.94 9.70
N ALA B 219 4.85 14.17 10.66
CA ALA B 219 5.14 15.56 11.10
C ALA B 219 5.64 16.42 9.94
N LEU B 220 6.50 15.87 9.11
CA LEU B 220 7.06 16.63 7.98
C LEU B 220 5.97 17.16 7.03
N PHE B 221 4.84 16.46 6.95
CA PHE B 221 3.77 16.83 6.03
C PHE B 221 2.58 17.38 6.78
N SER B 222 2.75 17.67 8.07
CA SER B 222 1.73 18.38 8.85
C SER B 222 2.03 19.88 8.74
N GLY B 223 1.25 20.56 7.90
CA GLY B 223 1.61 21.88 7.40
C GLY B 223 2.41 21.69 6.12
N GLU B 224 2.77 22.78 5.44
CA GLU B 224 3.51 22.70 4.19
C GLU B 224 4.92 22.12 4.31
N LEU B 225 5.21 21.18 3.42
CA LEU B 225 6.53 20.58 3.33
C LEU B 225 7.63 21.65 3.28
N LYS B 226 7.43 22.64 2.40
CA LYS B 226 8.42 23.72 2.21
C LYS B 226 8.72 24.44 3.52
N THR B 227 7.67 24.68 4.27
CA THR B 227 7.77 25.34 5.55
C THR B 227 8.50 24.45 6.56
N ASN B 228 8.12 23.18 6.63
CA ASN B 228 8.74 22.29 7.62
C ASN B 228 10.21 22.00 7.28
N LEU B 229 10.58 22.00 6.00
CA LEU B 229 11.98 21.82 5.64
C LEU B 229 12.81 23.04 6.08
N LYS B 230 12.22 24.23 5.97
CA LYS B 230 12.90 25.48 6.37
C LYS B 230 13.22 25.39 7.85
N VAL B 231 12.25 24.90 8.59
CA VAL B 231 12.32 24.69 10.04
C VAL B 231 13.39 23.66 10.41
N TRP B 232 13.36 22.53 9.70
CA TRP B 232 14.33 21.44 9.95
C TRP B 232 15.76 21.93 9.71
N LYS B 233 15.95 22.61 8.59
CA LYS B 233 17.29 23.04 8.25
C LYS B 233 17.87 24.08 9.21
N SER B 234 17.00 24.92 9.72
CA SER B 234 17.45 25.99 10.57
C SER B 234 17.72 25.49 11.99
N SER B 235 17.01 24.43 12.37
CA SER B 235 17.16 23.87 13.72
C SER B 235 18.33 22.91 13.87
N ILE B 236 18.52 22.09 12.84
CA ILE B 236 19.44 20.96 12.99
C ILE B 236 20.64 21.09 12.11
N MSE B 237 20.39 21.56 10.91
CA MSE B 237 21.40 21.63 9.89
C MSE B 237 22.18 22.94 10.02
O MSE B 237 22.00 23.67 10.98
OXT MSE B 237 23.01 23.28 9.18
CB MSE B 237 20.77 21.50 8.51
CG MSE B 237 19.94 20.23 8.35
SE MSE B 237 21.06 18.65 8.66
CE MSE B 237 22.27 18.86 7.09
CA CA C . 0.96 4.28 -18.44
NI NI D . -10.21 -5.83 -7.54
C1 MRD E . -11.63 -1.10 -19.42
C2 MRD E . -10.46 -1.25 -20.36
O2 MRD E . -9.26 -0.85 -19.64
CM MRD E . -10.30 -2.73 -20.77
C3 MRD E . -10.71 -0.30 -21.53
C4 MRD E . -9.63 -0.22 -22.62
O4 MRD E . -8.33 -0.08 -22.08
C5 MRD E . -9.90 0.94 -23.57
CA CA F . 0.00 18.21 4.61
NI NI G . 10.28 2.91 8.77
C1 MRD H . 10.76 15.95 12.50
C2 MRD H . 10.83 16.26 11.02
O2 MRD H . 9.54 15.91 10.48
CM MRD H . 11.88 15.38 10.36
C3 MRD H . 11.12 17.75 10.80
C4 MRD H . 10.03 18.69 11.32
O4 MRD H . 8.78 18.41 10.70
C5 MRD H . 10.43 20.12 10.96
#